data_3VAH
#
_entry.id   3VAH
#
_cell.length_a   166.238
_cell.length_b   37.304
_cell.length_c   101.310
_cell.angle_alpha   90.000
_cell.angle_beta   125.610
_cell.angle_gamma   90.000
#
_symmetry.space_group_name_H-M   'C 1 2 1'
#
loop_
_entity.id
_entity.type
_entity.pdbx_description
1 polymer 'Splicing factor U2AF 65 kDa subunit'
2 polymer "DNA 5'-D(P*UP*UP*(BRU)P*CP*UP*UP*U)-3'"
3 non-polymer '1,4-DIETHYLENE DIOXIDE'
4 non-polymer 'SULFATE ION'
5 non-polymer N,N-BIS(3-D-GLUCONAMIDOPROPYL)DEOXYCHOLAMIDE
6 non-polymer GLYCEROL
7 water water
#
loop_
_entity_poly.entity_id
_entity_poly.type
_entity_poly.pdbx_seq_one_letter_code
_entity_poly.pdbx_strand_id
1 'polypeptide(L)'
;GPLGSARRLYVGNIPFGITEEAMMDFFNAQMRLGGLTQAPGNPVLAVQINQDKNFAFLEFRSVDETTQAMAFDGIIFQGQ
SLKIRRPHDYQPLPGAHKLFIGGLPNYLNDDQVKELLTSFGPLKAFNLVKDSATGLSKGYAFCEYVDINVTDQAIAGLNG
MQLGDKKLLVQRAS
;
A,B
2 'polydeoxyribonucleotide' (DU)(DU)(BRU)(DC)(DU)(DU)(DU) E,P
#
# COMPACT_ATOMS: atom_id res chain seq x y z
N GLY A 1 -18.37 -7.26 -13.65
CA GLY A 1 -19.22 -8.47 -13.38
C GLY A 1 -20.00 -9.01 -14.57
N PRO A 2 -21.31 -8.72 -14.64
CA PRO A 2 -22.16 -7.96 -13.70
C PRO A 2 -22.22 -8.55 -12.29
N LEU A 3 -22.11 -9.89 -12.19
CA LEU A 3 -22.10 -10.56 -10.89
C LEU A 3 -20.70 -10.92 -10.35
N GLY A 4 -19.66 -10.75 -11.16
CA GLY A 4 -18.28 -10.99 -10.73
C GLY A 4 -17.76 -10.11 -9.60
N SER A 5 -16.68 -10.59 -8.97
CA SER A 5 -15.91 -9.89 -7.94
C SER A 5 -16.72 -9.47 -6.70
N ALA A 6 -17.71 -10.27 -6.35
CA ALA A 6 -18.58 -9.99 -5.21
C ALA A 6 -17.96 -10.26 -3.84
N ARG A 7 -16.89 -11.05 -3.77
CA ARG A 7 -16.30 -11.48 -2.48
C ARG A 7 -14.78 -11.20 -2.36
N ARG A 8 -14.35 -10.08 -2.90
CA ARG A 8 -12.94 -9.73 -2.91
C ARG A 8 -12.83 -8.23 -2.74
N LEU A 9 -11.80 -7.80 -2.01
CA LEU A 9 -11.50 -6.39 -1.82
C LEU A 9 -10.03 -6.18 -2.09
N TYR A 10 -9.71 -5.02 -2.64
CA TYR A 10 -8.31 -4.57 -2.83
C TYR A 10 -7.83 -3.88 -1.55
N VAL A 11 -6.61 -4.22 -1.11
CA VAL A 11 -6.00 -3.58 0.05
C VAL A 11 -4.65 -2.98 -0.36
N GLY A 12 -4.58 -1.66 -0.40
CA GLY A 12 -3.37 -0.94 -0.72
C GLY A 12 -2.59 -0.51 0.49
N ASN A 13 -1.30 -0.26 0.28
CA ASN A 13 -0.38 0.25 1.30
C ASN A 13 -0.07 -0.74 2.44
N ILE A 14 0.14 -2.02 2.09
CA ILE A 14 0.50 -2.98 3.10
C ILE A 14 1.97 -2.84 3.47
N PRO A 15 2.32 -3.08 4.76
CA PRO A 15 3.72 -3.05 5.20
C PRO A 15 4.54 -4.15 4.53
N PHE A 16 5.78 -3.85 4.15
CA PHE A 16 6.61 -4.83 3.47
C PHE A 16 7.02 -5.95 4.44
N GLY A 17 7.15 -7.16 3.93
CA GLY A 17 7.57 -8.31 4.72
C GLY A 17 6.40 -9.08 5.34
N ILE A 18 5.24 -8.44 5.42
CA ILE A 18 4.12 -9.01 6.15
C ILE A 18 3.65 -10.30 5.45
N THR A 19 3.19 -11.27 6.22
CA THR A 19 2.76 -12.56 5.66
C THR A 19 1.27 -12.59 5.35
N GLU A 20 0.88 -13.60 4.58
CA GLU A 20 -0.52 -13.84 4.26
C GLU A 20 -1.28 -14.26 5.53
N GLU A 21 -0.58 -14.96 6.42
CA GLU A 21 -1.16 -15.39 7.68
C GLU A 21 -1.43 -14.22 8.63
N ALA A 22 -0.42 -13.35 8.81
CA ALA A 22 -0.51 -12.21 9.72
C ALA A 22 -1.61 -11.23 9.30
N MET A 23 -1.75 -11.05 7.99
CA MET A 23 -2.77 -10.19 7.43
C MET A 23 -4.14 -10.80 7.62
N MET A 24 -4.22 -12.13 7.47
CA MET A 24 -5.46 -12.86 7.69
C MET A 24 -5.92 -12.75 9.15
N ASP A 25 -5.01 -12.99 10.09
CA ASP A 25 -5.33 -12.91 11.51
C ASP A 25 -5.82 -11.51 11.88
N PHE A 26 -5.17 -10.49 11.31
CA PHE A 26 -5.53 -9.13 11.64
C PHE A 26 -6.96 -8.80 11.25
N PHE A 27 -7.34 -9.15 10.02
CA PHE A 27 -8.66 -8.84 9.51
C PHE A 27 -9.76 -9.69 10.10
N ASN A 28 -9.43 -10.91 10.44
CA ASN A 28 -10.39 -11.75 11.14
C ASN A 28 -10.63 -11.22 12.54
N ALA A 29 -9.57 -10.77 13.20
CA ALA A 29 -9.67 -10.20 14.54
C ALA A 29 -10.51 -8.92 14.52
N GLN A 30 -10.26 -8.05 13.56
CA GLN A 30 -11.00 -6.78 13.48
C GLN A 30 -12.48 -6.93 13.18
N MET A 31 -12.83 -7.82 12.27
CA MET A 31 -14.23 -8.16 12.02
C MET A 31 -14.94 -8.56 13.32
N ARG A 32 -14.27 -9.31 14.20
CA ARG A 32 -14.92 -9.75 15.45
C ARG A 32 -15.07 -8.62 16.47
N LEU A 33 -13.96 -7.95 16.73
CA LEU A 33 -13.95 -6.84 17.66
C LEU A 33 -14.91 -5.72 17.24
N GLY A 34 -14.98 -5.49 15.93
CA GLY A 34 -15.85 -4.45 15.38
C GLY A 34 -17.31 -4.86 15.25
N GLY A 35 -17.60 -6.14 15.48
CA GLY A 35 -18.98 -6.65 15.42
C GLY A 35 -19.53 -6.73 14.02
N LEU A 36 -18.66 -6.87 13.03
CA LEU A 36 -19.08 -6.92 11.64
C LEU A 36 -19.35 -8.34 11.13
N THR A 37 -18.86 -9.34 11.85
CA THR A 37 -19.04 -10.75 11.51
C THR A 37 -20.50 -11.10 11.66
N GLN A 38 -20.96 -12.05 10.83
CA GLN A 38 -22.36 -12.44 10.84
C GLN A 38 -22.59 -13.88 11.26
N ALA A 39 -21.51 -14.60 11.53
CA ALA A 39 -21.60 -16.01 11.91
C ALA A 39 -20.31 -16.45 12.60
N PRO A 40 -20.39 -17.50 13.41
CA PRO A 40 -19.21 -18.07 14.03
C PRO A 40 -18.11 -18.36 13.01
N GLY A 41 -16.86 -18.20 13.42
CA GLY A 41 -15.75 -18.57 12.55
C GLY A 41 -15.21 -17.40 11.76
N ASN A 42 -14.41 -17.70 10.75
CA ASN A 42 -13.59 -16.69 10.11
C ASN A 42 -14.21 -16.20 8.81
N PRO A 43 -14.53 -14.90 8.73
CA PRO A 43 -14.95 -14.26 7.48
C PRO A 43 -13.90 -14.22 6.35
N VAL A 44 -12.62 -14.10 6.67
CA VAL A 44 -11.59 -14.03 5.64
C VAL A 44 -11.03 -15.41 5.37
N LEU A 45 -11.10 -15.85 4.11
CA LEU A 45 -10.68 -17.21 3.72
C LEU A 45 -9.25 -17.26 3.26
N ALA A 46 -8.76 -16.16 2.66
CA ALA A 46 -7.44 -16.16 2.00
C ALA A 46 -6.98 -14.76 1.64
N VAL A 47 -5.69 -14.62 1.49
CA VAL A 47 -5.11 -13.35 1.15
C VAL A 47 -4.04 -13.61 0.12
N GLN A 48 -3.96 -12.76 -0.88
CA GLN A 48 -2.94 -12.89 -1.91
C GLN A 48 -2.13 -11.60 -1.95
N ILE A 49 -0.82 -11.71 -1.76
CA ILE A 49 0.04 -10.54 -1.69
C ILE A 49 1.00 -10.41 -2.87
N ASN A 50 1.05 -9.21 -3.45
CA ASN A 50 2.17 -8.77 -4.26
C ASN A 50 3.14 -8.02 -3.33
N GLN A 51 4.24 -8.67 -2.96
CA GLN A 51 5.21 -8.02 -2.05
C GLN A 51 5.85 -6.78 -2.70
N ASP A 52 6.12 -6.85 -4.00
CA ASP A 52 6.79 -5.75 -4.72
C ASP A 52 5.97 -4.46 -4.89
N LYS A 53 4.64 -4.56 -5.05
CA LYS A 53 3.78 -3.39 -5.23
C LYS A 53 2.93 -3.10 -3.98
N ASN A 54 3.25 -3.75 -2.87
CA ASN A 54 2.59 -3.50 -1.59
C ASN A 54 1.08 -3.43 -1.65
N PHE A 55 0.46 -4.46 -2.23
CA PHE A 55 -1.00 -4.59 -2.20
C PHE A 55 -1.41 -6.05 -2.11
N ALA A 56 -2.68 -6.26 -1.76
CA ALA A 56 -3.25 -7.60 -1.58
C ALA A 56 -4.71 -7.62 -2.01
N PHE A 57 -5.20 -8.83 -2.27
CA PHE A 57 -6.62 -9.07 -2.35
C PHE A 57 -7.05 -10.05 -1.27
N LEU A 58 -8.13 -9.70 -0.58
CA LEU A 58 -8.78 -10.59 0.38
C LEU A 58 -9.92 -11.26 -0.33
N GLU A 59 -10.11 -12.57 -0.07
CA GLU A 59 -11.33 -13.31 -0.46
C GLU A 59 -12.17 -13.56 0.82
N PHE A 60 -13.45 -13.17 0.81
CA PHE A 60 -14.33 -13.43 1.96
C PHE A 60 -15.26 -14.62 1.70
N ARG A 61 -15.78 -15.20 2.77
CA ARG A 61 -16.67 -16.35 2.66
C ARG A 61 -18.07 -15.94 2.18
N SER A 62 -18.48 -14.69 2.39
CA SER A 62 -19.83 -14.26 2.05
C SER A 62 -19.88 -12.89 1.36
N VAL A 63 -20.97 -12.61 0.65
CA VAL A 63 -21.15 -11.33 -0.02
C VAL A 63 -21.30 -10.11 0.95
N ASP A 64 -22.14 -10.25 1.98
CA ASP A 64 -22.48 -9.14 2.88
C ASP A 64 -21.29 -8.73 3.74
N GLU A 65 -20.51 -9.72 4.16
CA GLU A 65 -19.34 -9.45 4.98
C GLU A 65 -18.27 -8.71 4.18
N THR A 66 -18.09 -9.04 2.91
CA THR A 66 -17.26 -8.21 2.01
C THR A 66 -17.73 -6.74 2.00
N THR A 67 -19.03 -6.53 1.89
CA THR A 67 -19.58 -5.19 1.94
C THR A 67 -19.27 -4.48 3.28
N GLN A 68 -19.44 -5.20 4.38
CA GLN A 68 -19.29 -4.62 5.70
C GLN A 68 -17.83 -4.17 5.91
N ALA A 69 -16.89 -4.99 5.45
CA ALA A 69 -15.47 -4.75 5.63
C ALA A 69 -14.91 -3.51 4.94
N MET A 70 -15.69 -2.88 4.07
CA MET A 70 -15.31 -1.62 3.46
C MET A 70 -15.19 -0.49 4.50
N ALA A 71 -15.87 -0.66 5.65
CA ALA A 71 -15.85 0.38 6.69
C ALA A 71 -14.47 0.50 7.35
N PHE A 72 -13.63 -0.51 7.19
CA PHE A 72 -12.25 -0.43 7.63
C PHE A 72 -11.35 0.46 6.76
N ASP A 73 -11.84 1.05 5.65
CA ASP A 73 -10.98 1.93 4.83
C ASP A 73 -10.31 3.00 5.70
N GLY A 74 -8.98 3.02 5.70
CA GLY A 74 -8.20 3.99 6.50
C GLY A 74 -7.55 3.46 7.77
N ILE A 75 -7.91 2.24 8.17
CA ILE A 75 -7.42 1.65 9.41
C ILE A 75 -5.88 1.52 9.43
N ILE A 76 -5.28 1.83 10.57
CA ILE A 76 -3.84 1.76 10.71
C ILE A 76 -3.40 0.32 11.03
N PHE A 77 -2.38 -0.14 10.31
CA PHE A 77 -1.83 -1.48 10.52
C PHE A 77 -0.30 -1.41 10.49
N GLN A 78 0.32 -1.63 11.66
CA GLN A 78 1.77 -1.50 11.86
C GLN A 78 2.29 -0.19 11.29
N GLY A 79 1.67 0.90 11.75
CA GLY A 79 2.04 2.24 11.34
C GLY A 79 1.53 2.75 10.01
N GLN A 80 0.96 1.88 9.16
CA GLN A 80 0.51 2.27 7.81
C GLN A 80 -1.03 2.32 7.66
N SER A 81 -1.52 3.36 6.96
CA SER A 81 -2.96 3.52 6.72
C SER A 81 -3.38 2.68 5.53
N LEU A 82 -4.31 1.74 5.75
CA LEU A 82 -4.70 0.79 4.68
C LEU A 82 -5.77 1.38 3.76
N LYS A 83 -5.53 1.26 2.46
CA LYS A 83 -6.48 1.67 1.44
C LYS A 83 -7.35 0.50 0.92
N ILE A 84 -8.61 0.46 1.34
CA ILE A 84 -9.56 -0.64 1.04
C ILE A 84 -10.59 -0.19 -0.02
N ARG A 85 -10.64 -0.90 -1.15
CA ARG A 85 -11.55 -0.56 -2.26
C ARG A 85 -12.21 -1.79 -2.90
N ARG A 86 -13.26 -1.56 -3.68
CA ARG A 86 -13.77 -2.62 -4.54
C ARG A 86 -12.76 -2.86 -5.67
N PRO A 87 -12.68 -4.10 -6.16
CA PRO A 87 -11.92 -4.41 -7.39
C PRO A 87 -12.46 -3.68 -8.61
N HIS A 88 -11.58 -3.35 -9.55
CA HIS A 88 -11.98 -2.62 -10.78
C HIS A 88 -13.05 -3.35 -11.55
N ASP A 89 -12.98 -4.68 -11.52
CA ASP A 89 -13.97 -5.60 -12.10
C ASP A 89 -15.39 -5.53 -11.54
N TYR A 90 -15.56 -4.97 -10.35
CA TYR A 90 -16.85 -4.94 -9.66
C TYR A 90 -17.67 -3.81 -10.20
N GLN A 91 -18.92 -4.08 -10.51
CA GLN A 91 -19.85 -3.05 -10.93
C GLN A 91 -21.21 -3.33 -10.28
N PRO A 92 -21.86 -2.29 -9.76
CA PRO A 92 -23.17 -2.46 -9.15
C PRO A 92 -24.20 -2.62 -10.25
N LEU A 93 -25.39 -3.08 -9.92
CA LEU A 93 -26.37 -3.36 -10.95
C LEU A 93 -26.89 -2.07 -11.60
N PRO A 94 -27.31 -2.14 -12.88
CA PRO A 94 -27.75 -0.96 -13.62
C PRO A 94 -28.77 -0.10 -12.86
N GLY A 95 -28.50 1.18 -12.78
CA GLY A 95 -29.38 2.09 -12.08
C GLY A 95 -29.45 2.03 -10.57
N ALA A 96 -28.53 1.33 -9.96
CA ALA A 96 -28.54 1.22 -8.54
C ALA A 96 -28.47 2.56 -7.91
N HIS A 97 -27.72 3.48 -8.53
CA HIS A 97 -27.44 4.76 -7.95
C HIS A 97 -27.83 5.93 -8.85
N LYS A 98 -28.93 5.77 -9.58
CA LYS A 98 -29.45 6.84 -10.45
C LYS A 98 -29.81 8.08 -9.64
N LEU A 99 -29.53 9.25 -10.20
CA LEU A 99 -29.84 10.52 -9.55
C LEU A 99 -30.86 11.35 -10.33
N PHE A 100 -31.76 12.01 -9.59
CA PHE A 100 -32.66 13.04 -10.14
C PHE A 100 -32.10 14.44 -9.84
N ILE A 101 -32.08 15.32 -10.83
CA ILE A 101 -31.70 16.72 -10.67
C ILE A 101 -32.85 17.66 -11.07
N GLY A 102 -33.48 18.32 -10.11
CA GLY A 102 -34.55 19.27 -10.36
C GLY A 102 -34.20 20.73 -10.08
N GLY A 103 -35.00 21.64 -10.63
CA GLY A 103 -34.78 23.08 -10.50
C GLY A 103 -33.72 23.71 -11.41
N LEU A 104 -33.50 23.14 -12.59
CA LEU A 104 -32.57 23.71 -13.59
C LEU A 104 -33.26 24.77 -14.45
N PRO A 105 -32.55 25.84 -14.81
CA PRO A 105 -33.18 26.82 -15.70
C PRO A 105 -33.48 26.21 -17.08
N ASN A 106 -34.68 26.40 -17.60
CA ASN A 106 -35.09 25.64 -18.79
C ASN A 106 -34.51 26.10 -20.13
N TYR A 107 -33.82 27.24 -20.17
CA TYR A 107 -33.14 27.68 -21.40
C TYR A 107 -31.78 26.98 -21.61
N LEU A 108 -31.36 26.15 -20.65
CA LEU A 108 -30.06 25.47 -20.70
C LEU A 108 -30.12 24.15 -21.47
N ASN A 109 -29.08 23.89 -22.27
CA ASN A 109 -29.01 22.66 -23.06
C ASN A 109 -28.22 21.55 -22.36
N ASP A 110 -28.14 20.39 -23.02
CA ASP A 110 -27.56 19.17 -22.47
C ASP A 110 -26.12 19.34 -22.00
N ASP A 111 -25.24 19.78 -22.89
CA ASP A 111 -23.82 19.94 -22.52
C ASP A 111 -23.61 20.95 -21.40
N GLN A 112 -24.39 22.03 -21.43
CA GLN A 112 -24.29 23.06 -20.41
C GLN A 112 -24.64 22.47 -19.03
N VAL A 113 -25.73 21.70 -18.97
CA VAL A 113 -26.13 21.04 -17.72
C VAL A 113 -25.14 19.93 -17.31
N LYS A 114 -24.65 19.19 -18.30
CA LYS A 114 -23.71 18.09 -18.09
C LYS A 114 -22.40 18.62 -17.47
N GLU A 115 -22.05 19.86 -17.77
CA GLU A 115 -20.82 20.50 -17.27
C GLU A 115 -20.82 20.64 -15.75
N LEU A 116 -21.96 21.01 -15.18
CA LEU A 116 -22.08 21.08 -13.73
C LEU A 116 -21.87 19.72 -13.07
N LEU A 117 -22.42 18.65 -13.65
CA LEU A 117 -22.39 17.32 -13.04
C LEU A 117 -21.03 16.66 -13.14
N THR A 118 -20.36 16.79 -14.30
CA THR A 118 -19.02 16.21 -14.48
C THR A 118 -17.89 16.94 -13.71
N SER A 119 -18.19 18.03 -13.00
CA SER A 119 -17.18 18.63 -12.12
C SER A 119 -16.81 17.66 -11.00
N PHE A 120 -17.78 16.84 -10.58
CA PHE A 120 -17.58 15.84 -9.53
C PHE A 120 -16.95 14.57 -10.02
N GLY A 121 -16.97 14.31 -11.32
CA GLY A 121 -16.44 13.06 -11.89
C GLY A 121 -17.22 12.57 -13.11
N PRO A 122 -16.68 11.60 -13.83
CA PRO A 122 -17.29 11.19 -15.10
C PRO A 122 -18.59 10.41 -14.95
N LEU A 123 -19.42 10.48 -15.99
CA LEU A 123 -20.78 9.93 -16.01
C LEU A 123 -20.86 8.71 -16.92
N LYS A 124 -21.58 7.67 -16.49
CA LYS A 124 -21.90 6.57 -17.39
C LYS A 124 -23.33 6.66 -17.95
N ALA A 125 -24.13 7.64 -17.51
CA ALA A 125 -25.46 7.84 -18.08
C ALA A 125 -25.93 9.24 -17.79
N PHE A 126 -26.71 9.79 -18.72
CA PHE A 126 -27.29 11.11 -18.56
C PHE A 126 -28.42 11.37 -19.57
N ASN A 127 -29.47 12.03 -19.13
CA ASN A 127 -30.54 12.45 -20.03
C ASN A 127 -31.27 13.66 -19.46
N LEU A 128 -31.32 14.74 -20.26
CA LEU A 128 -32.09 15.95 -19.94
C LEU A 128 -33.48 15.87 -20.57
N VAL A 129 -34.51 15.97 -19.73
CA VAL A 129 -35.87 15.74 -20.18
C VAL A 129 -36.39 16.94 -20.98
N LYS A 130 -36.81 16.68 -22.23
CA LYS A 130 -37.23 17.71 -23.16
C LYS A 130 -38.62 17.46 -23.71
N ASP A 131 -39.35 18.54 -23.95
CA ASP A 131 -40.61 18.45 -24.69
C ASP A 131 -40.29 18.01 -26.13
N SER A 132 -40.90 16.90 -26.58
CA SER A 132 -40.45 16.25 -27.82
C SER A 132 -40.78 17.07 -29.06
N ALA A 133 -42.04 17.49 -29.17
CA ALA A 133 -42.52 18.27 -30.32
C ALA A 133 -41.82 19.63 -30.47
N THR A 134 -41.61 20.33 -29.36
CA THR A 134 -40.91 21.62 -29.41
C THR A 134 -39.39 21.42 -29.33
N GLY A 135 -38.91 20.89 -28.21
CA GLY A 135 -37.47 20.58 -28.03
C GLY A 135 -36.79 21.21 -26.82
N LEU A 136 -37.56 21.94 -26.01
CA LEU A 136 -37.02 22.82 -24.99
C LEU A 136 -37.15 22.14 -23.63
N SER A 137 -36.28 22.50 -22.68
CA SER A 137 -36.12 21.70 -21.47
C SER A 137 -37.31 21.80 -20.53
N LYS A 138 -37.55 20.74 -19.77
CA LYS A 138 -38.58 20.71 -18.74
C LYS A 138 -37.99 21.09 -17.38
N GLY A 139 -36.67 21.25 -17.31
CA GLY A 139 -36.00 21.73 -16.10
C GLY A 139 -35.47 20.66 -15.15
N TYR A 140 -35.47 19.40 -15.59
CA TYR A 140 -34.94 18.30 -14.79
C TYR A 140 -34.22 17.24 -15.62
N ALA A 141 -33.30 16.54 -14.95
CA ALA A 141 -32.42 15.59 -15.59
C ALA A 141 -32.23 14.36 -14.71
N PHE A 142 -31.73 13.29 -15.32
CA PHE A 142 -31.33 12.09 -14.59
C PHE A 142 -29.90 11.74 -14.94
N CYS A 143 -29.14 11.24 -13.98
CA CYS A 143 -27.81 10.77 -14.29
C CYS A 143 -27.26 9.71 -13.34
N GLU A 144 -26.09 9.19 -13.69
CA GLU A 144 -25.42 8.17 -12.89
C GLU A 144 -23.91 8.24 -13.10
N TYR A 145 -23.17 8.21 -11.99
CA TYR A 145 -21.71 8.41 -12.02
C TYR A 145 -20.96 7.08 -12.18
N VAL A 146 -19.87 7.08 -12.95
CA VAL A 146 -19.00 5.91 -13.12
C VAL A 146 -18.56 5.39 -11.75
N ASP A 147 -17.88 6.23 -10.99
CA ASP A 147 -17.54 5.89 -9.61
C ASP A 147 -18.80 6.15 -8.78
N ILE A 148 -19.28 5.12 -8.10
CA ILE A 148 -20.52 5.25 -7.33
C ILE A 148 -20.31 5.95 -5.98
N ASN A 149 -19.05 6.09 -5.54
CA ASN A 149 -18.72 6.85 -4.35
C ASN A 149 -18.84 8.37 -4.59
N VAL A 150 -18.88 8.76 -5.86
CA VAL A 150 -19.09 10.15 -6.25
C VAL A 150 -20.53 10.56 -5.99
N THR A 151 -21.46 9.64 -6.20
CA THR A 151 -22.88 9.85 -5.96
C THR A 151 -23.14 10.71 -4.70
N ASP A 152 -22.67 10.26 -3.55
CA ASP A 152 -22.91 11.01 -2.31
C ASP A 152 -22.25 12.40 -2.28
N GLN A 153 -21.12 12.58 -2.96
CA GLN A 153 -20.44 13.87 -3.04
C GLN A 153 -21.22 14.89 -3.91
N ALA A 154 -21.69 14.46 -5.07
CA ALA A 154 -22.58 15.29 -5.89
C ALA A 154 -23.79 15.80 -5.07
N ILE A 155 -24.44 14.89 -4.37
CA ILE A 155 -25.60 15.22 -3.55
C ILE A 155 -25.25 16.30 -2.52
N ALA A 156 -24.16 16.09 -1.79
CA ALA A 156 -23.74 17.02 -0.74
C ALA A 156 -23.32 18.37 -1.29
N GLY A 157 -22.79 18.39 -2.51
CA GLY A 157 -22.32 19.63 -3.13
C GLY A 157 -23.36 20.41 -3.91
N LEU A 158 -24.48 19.77 -4.26
CA LEU A 158 -25.53 20.39 -5.09
C LEU A 158 -26.95 20.53 -4.46
N ASN A 159 -27.32 19.62 -3.55
CA ASN A 159 -28.68 19.62 -2.99
C ASN A 159 -28.93 20.79 -2.08
N GLY A 160 -30.03 21.50 -2.30
CA GLY A 160 -30.36 22.66 -1.47
C GLY A 160 -29.58 23.93 -1.79
N MET A 161 -28.88 23.94 -2.92
CA MET A 161 -27.97 25.04 -3.30
C MET A 161 -28.61 25.97 -4.33
N GLN A 162 -28.11 27.20 -4.42
CA GLN A 162 -28.71 28.23 -5.26
C GLN A 162 -28.15 28.19 -6.67
N LEU A 163 -29.04 28.29 -7.66
CA LEU A 163 -28.68 28.34 -9.08
C LEU A 163 -29.64 29.32 -9.72
N GLY A 164 -29.21 30.56 -9.84
CA GLY A 164 -30.06 31.62 -10.32
C GLY A 164 -31.01 32.05 -9.23
N ASP A 165 -32.29 32.04 -9.53
CA ASP A 165 -33.33 32.28 -8.54
C ASP A 165 -34.07 30.96 -8.27
N LYS A 166 -33.38 29.85 -8.53
CA LYS A 166 -33.88 28.49 -8.26
C LYS A 166 -32.94 27.79 -7.30
N LYS A 167 -33.53 27.01 -6.38
CA LYS A 167 -32.79 26.12 -5.48
C LYS A 167 -32.79 24.72 -6.06
N LEU A 168 -31.63 24.08 -6.17
CA LEU A 168 -31.56 22.75 -6.78
C LEU A 168 -32.03 21.63 -5.84
N LEU A 169 -32.62 20.58 -6.42
CA LEU A 169 -32.90 19.35 -5.69
C LEU A 169 -32.05 18.27 -6.35
N VAL A 170 -31.24 17.56 -5.57
CA VAL A 170 -30.47 16.40 -6.06
C VAL A 170 -30.62 15.26 -5.04
N GLN A 171 -31.26 14.18 -5.45
CA GLN A 171 -31.47 13.02 -4.59
C GLN A 171 -31.47 11.76 -5.46
N ARG A 172 -31.34 10.60 -4.83
CA ARG A 172 -31.52 9.31 -5.51
C ARG A 172 -32.90 9.16 -6.19
N ALA A 173 -32.88 8.73 -7.45
CA ALA A 173 -34.10 8.57 -8.27
C ALA A 173 -35.12 7.57 -7.71
N SER A 174 -34.66 6.60 -6.94
CA SER A 174 -35.56 5.79 -6.16
C SER A 174 -34.81 4.97 -5.13
N GLY B 1 17.37 -7.81 1.57
CA GLY B 1 16.89 -6.62 0.77
C GLY B 1 16.83 -5.45 1.74
N PRO B 2 15.66 -4.76 1.81
CA PRO B 2 15.42 -3.79 2.90
C PRO B 2 15.56 -4.46 4.26
N LEU B 3 14.77 -5.51 4.47
CA LEU B 3 14.84 -6.26 5.72
C LEU B 3 16.17 -6.99 5.96
N GLY B 4 17.10 -6.98 5.01
CA GLY B 4 18.40 -7.64 5.19
C GLY B 4 19.06 -7.29 6.52
N SER B 5 19.02 -6.01 6.86
CA SER B 5 19.65 -5.53 8.09
C SER B 5 18.82 -5.81 9.33
N ALA B 6 17.62 -6.34 9.16
CA ALA B 6 16.83 -6.84 10.28
C ALA B 6 17.14 -8.31 10.55
N ARG B 7 18.04 -8.91 9.77
CA ARG B 7 18.43 -10.33 9.89
C ARG B 7 19.93 -10.52 10.23
N ARG B 8 20.56 -9.54 10.89
CA ARG B 8 22.03 -9.56 11.13
C ARG B 8 22.35 -8.95 12.48
N LEU B 9 23.42 -9.43 13.11
CA LEU B 9 23.90 -8.83 14.35
C LEU B 9 25.42 -8.72 14.34
N TYR B 10 25.91 -7.67 14.99
CA TYR B 10 27.32 -7.46 15.22
C TYR B 10 27.72 -8.16 16.52
N VAL B 11 28.87 -8.84 16.48
CA VAL B 11 29.41 -9.52 17.64
C VAL B 11 30.87 -9.14 17.89
N GLY B 12 31.12 -8.44 19.02
CA GLY B 12 32.46 -8.02 19.38
C GLY B 12 33.13 -8.85 20.46
N ASN B 13 34.42 -8.61 20.65
CA ASN B 13 35.23 -9.24 21.71
C ASN B 13 35.37 -10.73 21.50
N ILE B 14 35.48 -11.14 20.23
CA ILE B 14 35.55 -12.55 19.92
C ILE B 14 36.95 -13.03 20.30
N PRO B 15 37.09 -14.32 20.66
CA PRO B 15 38.36 -14.92 21.08
C PRO B 15 39.32 -15.26 19.94
N PHE B 16 40.63 -15.17 20.20
CA PHE B 16 41.64 -15.39 19.16
C PHE B 16 41.47 -16.76 18.50
N GLY B 17 41.68 -16.81 17.18
CA GLY B 17 41.79 -18.09 16.47
C GLY B 17 40.47 -18.71 16.01
N ILE B 18 39.35 -18.25 16.57
CA ILE B 18 38.04 -18.87 16.33
C ILE B 18 37.64 -18.81 14.86
N THR B 19 36.96 -19.85 14.38
CA THR B 19 36.53 -19.96 12.99
C THR B 19 35.04 -19.68 12.82
N GLU B 20 34.62 -19.54 11.57
CA GLU B 20 33.23 -19.15 11.25
C GLU B 20 32.24 -20.27 11.59
N GLU B 21 32.68 -21.50 11.40
CA GLU B 21 31.86 -22.67 11.70
C GLU B 21 31.67 -22.86 13.24
N ALA B 22 32.72 -22.59 14.00
CA ALA B 22 32.66 -22.75 15.46
C ALA B 22 31.69 -21.74 16.05
N MET B 23 31.70 -20.51 15.54
CA MET B 23 30.72 -19.50 15.96
C MET B 23 29.29 -19.91 15.58
N MET B 24 29.14 -20.45 14.39
CA MET B 24 27.82 -20.87 13.93
C MET B 24 27.23 -21.91 14.89
N ASP B 25 28.00 -22.96 15.19
CA ASP B 25 27.55 -24.03 16.11
C ASP B 25 27.19 -23.53 17.52
N PHE B 26 28.02 -22.63 18.07
CA PHE B 26 27.79 -22.05 19.38
C PHE B 26 26.46 -21.31 19.50
N PHE B 27 26.16 -20.46 18.52
CA PHE B 27 24.91 -19.64 18.56
C PHE B 27 23.66 -20.45 18.27
N ASN B 28 23.76 -21.42 17.38
CA ASN B 28 22.66 -22.34 17.16
C ASN B 28 22.36 -23.13 18.42
N ALA B 29 23.42 -23.56 19.11
CA ALA B 29 23.27 -24.36 20.32
C ALA B 29 22.54 -23.52 21.39
N GLN B 30 22.97 -22.28 21.57
CA GLN B 30 22.40 -21.41 22.57
C GLN B 30 20.91 -21.13 22.29
N MET B 31 20.59 -20.80 21.06
CA MET B 31 19.18 -20.58 20.64
C MET B 31 18.28 -21.78 20.95
N ARG B 32 18.77 -23.00 20.77
CA ARG B 32 18.00 -24.20 21.08
C ARG B 32 17.95 -24.47 22.58
N LEU B 33 19.04 -24.21 23.29
CA LEU B 33 19.07 -24.38 24.73
C LEU B 33 18.03 -23.50 25.43
N GLY B 34 17.90 -22.24 24.99
CA GLY B 34 16.97 -21.30 25.61
C GLY B 34 15.55 -21.33 25.06
N GLY B 35 15.27 -22.28 24.17
CA GLY B 35 13.97 -22.38 23.50
C GLY B 35 13.56 -21.13 22.71
N LEU B 36 14.53 -20.46 22.09
CA LEU B 36 14.28 -19.19 21.40
C LEU B 36 14.04 -19.30 19.89
N THR B 37 13.95 -20.52 19.37
CA THR B 37 13.73 -20.72 17.93
C THR B 37 12.23 -20.77 17.69
N GLN B 38 11.80 -20.42 16.49
CA GLN B 38 10.37 -20.45 16.12
C GLN B 38 10.01 -21.61 15.16
N ALA B 39 11.00 -22.40 14.78
CA ALA B 39 10.77 -23.58 13.95
C ALA B 39 11.91 -24.53 14.19
N PRO B 40 11.77 -25.78 13.73
CA PRO B 40 12.91 -26.66 13.78
C PRO B 40 14.06 -26.18 12.90
N GLY B 41 15.27 -26.64 13.20
CA GLY B 41 16.46 -26.31 12.41
C GLY B 41 17.35 -25.28 13.07
N ASN B 42 18.28 -24.74 12.27
CA ASN B 42 19.27 -23.74 12.70
C ASN B 42 18.95 -22.32 12.21
N PRO B 43 18.66 -21.40 13.13
CA PRO B 43 18.45 -19.97 12.82
C PRO B 43 19.60 -19.22 12.13
N VAL B 44 20.84 -19.51 12.47
CA VAL B 44 22.00 -18.81 11.90
C VAL B 44 22.44 -19.47 10.59
N LEU B 45 22.34 -18.72 9.49
CA LEU B 45 22.66 -19.22 8.16
C LEU B 45 24.13 -19.07 7.83
N ALA B 46 24.75 -17.99 8.30
CA ALA B 46 26.16 -17.74 7.97
C ALA B 46 26.81 -16.80 8.96
N VAL B 47 28.15 -16.83 8.95
CA VAL B 47 29.00 -16.01 9.81
C VAL B 47 30.24 -15.52 9.03
N GLN B 48 30.47 -14.21 9.07
CA GLN B 48 31.67 -13.57 8.50
C GLN B 48 32.51 -12.97 9.62
N ILE B 49 33.84 -13.17 9.53
CA ILE B 49 34.76 -12.78 10.61
C ILE B 49 35.90 -11.89 10.12
N ASN B 50 36.20 -10.83 10.89
CA ASN B 50 37.40 -10.02 10.72
C ASN B 50 38.32 -10.30 11.89
N GLN B 51 39.30 -11.16 11.63
CA GLN B 51 40.22 -11.67 12.66
C GLN B 51 41.07 -10.53 13.25
N ASP B 52 41.56 -9.65 12.37
CA ASP B 52 42.40 -8.52 12.75
C ASP B 52 41.73 -7.54 13.73
N LYS B 53 40.43 -7.29 13.55
CA LYS B 53 39.70 -6.32 14.37
C LYS B 53 38.80 -7.02 15.38
N ASN B 54 38.92 -8.34 15.45
CA ASN B 54 38.21 -9.12 16.45
C ASN B 54 36.70 -8.89 16.51
N PHE B 55 36.03 -8.99 15.36
CA PHE B 55 34.59 -8.93 15.33
C PHE B 55 34.01 -9.86 14.26
N ALA B 56 32.72 -10.16 14.37
CA ALA B 56 32.02 -10.89 13.32
C ALA B 56 30.60 -10.38 13.09
N PHE B 57 30.03 -10.74 11.94
CA PHE B 57 28.58 -10.61 11.72
C PHE B 57 27.90 -11.97 11.58
N LEU B 58 26.73 -12.09 12.21
CA LEU B 58 25.89 -13.27 12.14
C LEU B 58 24.79 -12.93 11.16
N GLU B 59 24.32 -13.90 10.36
CA GLU B 59 23.13 -13.70 9.51
C GLU B 59 22.12 -14.76 9.89
N PHE B 60 20.88 -14.35 10.11
CA PHE B 60 19.86 -15.26 10.59
C PHE B 60 18.84 -15.58 9.49
N ARG B 61 18.09 -16.66 9.67
CA ARG B 61 17.02 -17.00 8.73
C ARG B 61 15.76 -16.16 8.91
N SER B 62 15.64 -15.43 10.02
CA SER B 62 14.41 -14.68 10.27
C SER B 62 14.57 -13.39 11.09
N VAL B 63 13.55 -12.54 11.00
CA VAL B 63 13.54 -11.27 11.71
C VAL B 63 13.25 -11.47 13.19
N ASP B 64 12.27 -12.32 13.51
CA ASP B 64 11.90 -12.54 14.91
C ASP B 64 13.04 -13.20 15.69
N GLU B 65 13.75 -14.13 15.06
CA GLU B 65 14.85 -14.84 15.72
C GLU B 65 16.08 -13.94 15.90
N THR B 66 16.30 -13.01 14.96
CA THR B 66 17.39 -12.03 15.09
C THR B 66 17.18 -11.21 16.36
N THR B 67 15.96 -10.72 16.54
CA THR B 67 15.54 -9.99 17.73
C THR B 67 15.76 -10.81 19.01
N GLN B 68 15.36 -12.07 19.00
CA GLN B 68 15.51 -12.95 20.17
C GLN B 68 16.96 -13.08 20.60
N ALA B 69 17.88 -13.18 19.64
CA ALA B 69 19.32 -13.39 19.89
C ALA B 69 19.98 -12.21 20.61
N MET B 70 19.32 -11.08 20.60
CA MET B 70 19.80 -9.88 21.29
C MET B 70 19.95 -10.10 22.80
N ALA B 71 19.20 -11.07 23.33
CA ALA B 71 19.25 -11.38 24.75
C ALA B 71 20.55 -12.07 25.17
N PHE B 72 21.40 -12.41 24.19
CA PHE B 72 22.68 -13.05 24.45
C PHE B 72 23.81 -12.05 24.66
N ASP B 73 23.51 -10.76 24.70
CA ASP B 73 24.56 -9.80 25.01
C ASP B 73 25.22 -10.13 26.37
N GLY B 74 26.55 -10.17 26.39
CA GLY B 74 27.31 -10.54 27.58
C GLY B 74 27.56 -12.04 27.79
N ILE B 75 27.04 -12.90 26.89
CA ILE B 75 27.20 -14.35 26.98
C ILE B 75 28.67 -14.79 26.84
N ILE B 76 29.00 -15.89 27.47
CA ILE B 76 30.35 -16.35 27.58
C ILE B 76 30.66 -17.33 26.45
N PHE B 77 31.80 -17.13 25.79
CA PHE B 77 32.24 -18.03 24.74
C PHE B 77 33.77 -18.17 24.80
N GLN B 78 34.24 -19.40 25.01
CA GLN B 78 35.66 -19.70 25.24
C GLN B 78 36.29 -18.72 26.22
N GLY B 79 35.63 -18.52 27.35
CA GLY B 79 36.18 -17.70 28.44
C GLY B 79 35.81 -16.24 28.37
N GLN B 80 35.25 -15.78 27.25
CA GLN B 80 35.08 -14.35 27.03
C GLN B 80 33.64 -13.87 26.86
N SER B 81 33.42 -12.65 27.33
CA SER B 81 32.11 -12.04 27.38
C SER B 81 31.84 -11.37 26.03
N LEU B 82 30.87 -11.87 25.27
CA LEU B 82 30.63 -11.32 23.92
C LEU B 82 29.70 -10.11 23.97
N LYS B 83 29.94 -9.18 23.05
CA LYS B 83 29.15 -7.96 22.92
C LYS B 83 28.24 -8.09 21.69
N ILE B 84 26.94 -8.08 21.90
CA ILE B 84 25.99 -8.25 20.81
C ILE B 84 25.24 -6.95 20.61
N ARG B 85 25.19 -6.47 19.36
CA ARG B 85 24.51 -5.20 19.02
C ARG B 85 23.87 -5.28 17.65
N ARG B 86 22.95 -4.35 17.36
CA ARG B 86 22.39 -4.14 16.02
C ARG B 86 23.40 -3.51 15.06
N PRO B 87 23.26 -3.78 13.76
CA PRO B 87 24.15 -3.10 12.79
C PRO B 87 23.89 -1.61 12.80
N HIS B 88 24.88 -0.80 12.43
CA HIS B 88 24.72 0.66 12.45
C HIS B 88 23.68 1.14 11.41
N ASP B 89 23.37 0.31 10.42
CA ASP B 89 22.35 0.67 9.43
C ASP B 89 20.98 -0.02 9.66
N TYR B 90 20.77 -0.57 10.85
CA TYR B 90 19.50 -1.22 11.22
C TYR B 90 18.34 -0.24 11.13
N GLN B 91 17.25 -0.62 10.46
CA GLN B 91 16.04 0.21 10.42
C GLN B 91 15.01 -0.26 11.45
N PRO B 92 14.91 0.45 12.59
CA PRO B 92 13.87 0.15 13.58
C PRO B 92 12.48 0.19 12.96
N LEU B 93 12.18 1.27 12.25
CA LEU B 93 10.94 1.38 11.46
C LEU B 93 11.21 1.06 9.98
N PRO B 94 10.74 -0.11 9.50
CA PRO B 94 11.01 -0.52 8.11
C PRO B 94 10.24 0.25 7.04
N GLY B 95 10.88 0.51 5.91
CA GLY B 95 10.27 1.26 4.83
C GLY B 95 10.14 2.76 5.02
N ALA B 96 10.82 3.31 6.00
CA ALA B 96 10.78 4.71 6.28
C ALA B 96 11.57 5.58 5.36
N HIS B 97 12.46 4.98 4.56
CA HIS B 97 13.23 5.76 3.60
C HIS B 97 12.89 5.38 2.17
N LYS B 98 11.67 4.90 1.99
CA LYS B 98 11.12 4.61 0.67
C LYS B 98 10.51 5.86 0.05
N LEU B 99 10.84 6.10 -1.22
CA LEU B 99 10.42 7.31 -1.94
C LEU B 99 9.30 7.05 -2.94
N PHE B 100 8.40 8.01 -3.07
CA PHE B 100 7.43 8.05 -4.18
C PHE B 100 7.93 9.03 -5.24
N ILE B 101 7.90 8.64 -6.52
CA ILE B 101 8.24 9.54 -7.63
C ILE B 101 7.04 9.72 -8.55
N GLY B 102 6.58 10.97 -8.64
CA GLY B 102 5.34 11.32 -9.33
C GLY B 102 5.55 12.38 -10.40
N GLY B 103 4.64 12.45 -11.36
CA GLY B 103 4.72 13.43 -12.43
C GLY B 103 5.78 13.13 -13.48
N LEU B 104 6.07 11.86 -13.69
CA LEU B 104 6.94 11.43 -14.78
C LEU B 104 6.18 11.51 -16.09
N PRO B 105 6.88 11.88 -17.17
CA PRO B 105 6.36 11.70 -18.54
C PRO B 105 6.00 10.23 -18.85
N ASN B 106 4.82 10.02 -19.44
CA ASN B 106 4.26 8.68 -19.64
C ASN B 106 5.03 7.78 -20.63
N TYR B 107 5.83 8.39 -21.49
CA TYR B 107 6.62 7.62 -22.45
C TYR B 107 7.90 7.00 -21.89
N LEU B 108 8.31 7.38 -20.68
CA LEU B 108 9.58 6.92 -20.11
C LEU B 108 9.50 5.49 -19.54
N ASN B 109 10.46 4.64 -19.93
CA ASN B 109 10.53 3.24 -19.46
C ASN B 109 11.32 3.09 -18.14
N ASP B 110 11.33 1.85 -17.62
CA ASP B 110 11.99 1.47 -16.37
C ASP B 110 13.45 1.94 -16.26
N ASP B 111 14.28 1.55 -17.21
CA ASP B 111 15.70 1.89 -17.19
C ASP B 111 15.99 3.40 -17.26
N GLN B 112 15.19 4.11 -18.03
CA GLN B 112 15.33 5.55 -18.18
C GLN B 112 15.09 6.25 -16.85
N VAL B 113 14.00 5.88 -16.19
CA VAL B 113 13.68 6.41 -14.86
C VAL B 113 14.79 6.04 -13.86
N LYS B 114 15.19 4.76 -13.84
CA LYS B 114 16.30 4.30 -12.98
C LYS B 114 17.54 5.18 -13.16
N GLU B 115 17.79 5.56 -14.41
CA GLU B 115 18.96 6.34 -14.78
C GLU B 115 18.91 7.76 -14.20
N LEU B 116 17.69 8.31 -14.09
CA LEU B 116 17.48 9.58 -13.39
C LEU B 116 17.78 9.43 -11.90
N LEU B 117 17.28 8.36 -11.28
CA LEU B 117 17.46 8.17 -9.84
C LEU B 117 18.92 7.86 -9.45
N THR B 118 19.58 7.00 -10.22
CA THR B 118 20.91 6.47 -9.83
C THR B 118 22.06 7.47 -9.90
N SER B 119 21.83 8.67 -10.41
CA SER B 119 22.86 9.72 -10.35
C SER B 119 23.27 10.08 -8.90
N PHE B 120 22.38 9.88 -7.94
CA PHE B 120 22.65 10.08 -6.52
C PHE B 120 23.18 8.83 -5.81
N GLY B 121 23.20 7.71 -6.53
CA GLY B 121 23.77 6.46 -6.00
C GLY B 121 22.94 5.23 -6.35
N PRO B 122 23.45 4.04 -6.00
CA PRO B 122 22.79 2.75 -6.32
C PRO B 122 21.49 2.48 -5.55
N LEU B 123 20.59 1.72 -6.17
CA LEU B 123 19.29 1.39 -5.57
C LEU B 123 19.26 -0.05 -5.08
N LYS B 124 18.55 -0.30 -3.98
CA LYS B 124 18.27 -1.67 -3.56
C LYS B 124 16.92 -2.14 -4.10
N ALA B 125 15.98 -1.22 -4.30
CA ALA B 125 14.63 -1.56 -4.80
C ALA B 125 14.08 -0.51 -5.77
N PHE B 126 13.42 -0.97 -6.83
CA PHE B 126 12.76 -0.06 -7.78
C PHE B 126 11.61 -0.73 -8.54
N ASN B 127 10.47 -0.04 -8.66
CA ASN B 127 9.37 -0.45 -9.54
C ASN B 127 8.67 0.74 -10.19
N LEU B 128 8.39 0.66 -11.49
CA LEU B 128 7.56 1.65 -12.18
C LEU B 128 6.17 1.07 -12.39
N VAL B 129 5.15 1.86 -12.07
CA VAL B 129 3.76 1.38 -12.15
C VAL B 129 3.17 1.54 -13.56
N LYS B 130 2.59 0.45 -14.06
CA LYS B 130 2.10 0.35 -15.42
C LYS B 130 0.67 -0.20 -15.47
N ASP B 131 -0.03 -0.01 -16.59
CA ASP B 131 -1.28 -0.73 -16.83
C ASP B 131 -0.95 -2.09 -17.44
N SER B 132 -1.21 -3.15 -16.68
CA SER B 132 -0.96 -4.52 -17.14
C SER B 132 -1.75 -4.93 -18.40
N ALA B 133 -2.88 -4.28 -18.66
CA ALA B 133 -3.65 -4.56 -19.88
C ALA B 133 -3.12 -3.83 -21.12
N THR B 134 -2.15 -2.92 -20.95
CA THR B 134 -1.51 -2.26 -22.11
C THR B 134 0.03 -2.27 -22.05
N GLY B 135 0.58 -2.08 -20.85
CA GLY B 135 2.04 -1.99 -20.67
C GLY B 135 2.51 -0.57 -20.49
N LEU B 136 1.56 0.36 -20.36
CA LEU B 136 1.84 1.80 -20.38
C LEU B 136 1.99 2.33 -18.98
N SER B 137 3.02 3.14 -18.77
CA SER B 137 3.30 3.77 -17.51
C SER B 137 2.13 4.63 -17.03
N LYS B 138 1.81 4.51 -15.75
CA LYS B 138 0.83 5.40 -15.09
C LYS B 138 1.49 6.69 -14.60
N GLY B 139 2.79 6.81 -14.82
CA GLY B 139 3.48 8.08 -14.51
C GLY B 139 4.05 8.25 -13.12
N TYR B 140 4.00 7.21 -12.29
CA TYR B 140 4.71 7.22 -11.00
C TYR B 140 5.46 5.91 -10.72
N ALA B 141 6.41 6.01 -9.81
CA ALA B 141 7.26 4.87 -9.41
C ALA B 141 7.65 4.93 -7.94
N PHE B 142 8.26 3.85 -7.44
CA PHE B 142 8.80 3.81 -6.09
C PHE B 142 10.24 3.29 -6.07
N CYS B 143 11.05 3.76 -5.13
CA CYS B 143 12.41 3.23 -4.95
C CYS B 143 12.95 3.36 -3.53
N GLU B 144 14.02 2.61 -3.24
CA GLU B 144 14.83 2.80 -2.03
C GLU B 144 16.32 2.66 -2.36
N TYR B 145 17.14 3.58 -1.84
CA TYR B 145 18.59 3.55 -2.11
C TYR B 145 19.28 2.56 -1.20
N VAL B 146 20.38 1.97 -1.70
CA VAL B 146 21.22 1.07 -0.92
C VAL B 146 21.61 1.75 0.38
N ASP B 147 22.19 2.94 0.27
CA ASP B 147 22.64 3.71 1.44
C ASP B 147 21.56 4.72 1.85
N ILE B 148 20.80 4.41 2.88
CA ILE B 148 19.65 5.25 3.23
C ILE B 148 19.99 6.70 3.57
N ASN B 149 21.26 6.99 3.82
CA ASN B 149 21.71 8.35 4.11
C ASN B 149 21.68 9.28 2.89
N VAL B 150 21.65 8.70 1.68
CA VAL B 150 21.57 9.46 0.42
C VAL B 150 20.15 10.01 0.18
N THR B 151 19.15 9.42 0.86
CA THR B 151 17.72 9.67 0.59
C THR B 151 17.35 11.15 0.47
N ASP B 152 17.77 11.95 1.44
CA ASP B 152 17.42 13.37 1.50
C ASP B 152 18.13 14.27 0.48
N GLN B 153 19.39 13.92 0.20
CA GLN B 153 20.15 14.46 -0.94
C GLN B 153 19.43 14.25 -2.28
N ALA B 154 18.68 13.16 -2.42
CA ALA B 154 17.98 12.87 -3.67
C ALA B 154 16.66 13.65 -3.78
N ILE B 155 15.95 13.80 -2.67
CA ILE B 155 14.74 14.62 -2.61
C ILE B 155 15.05 16.09 -2.91
N ALA B 156 16.10 16.61 -2.28
CA ALA B 156 16.55 17.98 -2.49
C ALA B 156 16.87 18.22 -3.97
N GLY B 157 17.55 17.27 -4.59
CA GLY B 157 17.92 17.37 -6.00
C GLY B 157 16.80 17.20 -7.01
N LEU B 158 15.87 16.29 -6.75
CA LEU B 158 14.86 15.91 -7.75
C LEU B 158 13.48 16.52 -7.58
N ASN B 159 13.05 16.79 -6.34
CA ASN B 159 11.74 17.37 -6.11
C ASN B 159 11.64 18.69 -6.85
N GLY B 160 10.68 18.79 -7.75
CA GLY B 160 10.44 20.03 -8.49
C GLY B 160 11.21 20.14 -9.79
N MET B 161 11.97 19.10 -10.15
CA MET B 161 12.75 19.15 -11.37
C MET B 161 11.85 19.24 -12.59
N GLN B 162 12.16 20.16 -13.49
CA GLN B 162 11.39 20.36 -14.71
C GLN B 162 11.83 19.26 -15.68
N LEU B 163 10.93 18.33 -15.94
CA LEU B 163 11.21 17.23 -16.86
C LEU B 163 10.40 17.44 -18.14
N GLY B 164 10.97 18.21 -19.05
CA GLY B 164 10.29 18.66 -20.25
C GLY B 164 9.02 19.41 -19.90
N ASP B 165 7.92 18.71 -20.07
CA ASP B 165 6.58 19.28 -20.01
C ASP B 165 5.99 19.30 -18.58
N LYS B 166 6.66 18.68 -17.61
CA LYS B 166 6.07 18.45 -16.30
C LYS B 166 7.04 18.69 -15.14
N LYS B 167 6.47 18.83 -13.94
CA LYS B 167 7.23 19.06 -12.71
C LYS B 167 7.13 17.85 -11.76
N LEU B 168 8.29 17.28 -11.40
CA LEU B 168 8.34 16.10 -10.53
C LEU B 168 7.95 16.34 -9.07
N LEU B 169 7.23 15.37 -8.50
CA LEU B 169 7.04 15.27 -7.06
C LEU B 169 7.91 14.11 -6.57
N VAL B 170 8.81 14.39 -5.62
CA VAL B 170 9.65 13.35 -5.03
C VAL B 170 9.62 13.53 -3.53
N GLN B 171 9.14 12.52 -2.84
CA GLN B 171 8.93 12.59 -1.39
C GLN B 171 8.94 11.18 -0.79
N ARG B 172 9.14 11.06 0.51
CA ARG B 172 9.03 9.78 1.20
C ARG B 172 7.62 9.23 0.99
N ALA B 173 7.53 8.02 0.47
CA ALA B 173 6.22 7.39 0.19
C ALA B 173 5.39 7.29 1.46
N SER B 174 6.11 7.21 2.57
CA SER B 174 5.54 7.10 3.91
C SER B 174 5.01 5.70 4.13
#